data_4KUZ
#
_entry.id   4KUZ
#
_cell.length_a   126.430
_cell.length_b   126.430
_cell.length_c   97.150
_cell.angle_alpha   90.00
_cell.angle_beta   90.00
_cell.angle_gamma   120.00
#
_symmetry.space_group_name_H-M   'P 31 2 1'
#
loop_
_entity.id
_entity.type
_entity.pdbx_description
1 polymer 'antibody 4A5 light chain'
2 polymer 'antibody 4A5 heavy chain'
3 non-polymer 'SULFATE ION'
4 water water
#
loop_
_entity_poly.entity_id
_entity_poly.type
_entity_poly.pdbx_seq_one_letter_code
_entity_poly.pdbx_strand_id
1 'polypeptide(L)'
;DIVMSQSPSSLAVSVGEKVTMSCKSSQSLLYSSNQKNYLAWYQQKPGQSPKLLIYWASTRESGVPDRFTGSGSGTDFTLT
ISSVKAEDLAVYYCQQYYSYPTFGAGTKLELKRTVAAPSVFIFPPSDEQLKSGTASVVCLLNNFYPREAKVQWKVDNALQ
SGNSQESVTEQDSKDSTYSLSSTLTLSKADYEKHKVYACEVTHQGLSSPVTKSFNRGEC
;
L
2 'polypeptide(L)'
;EVQLQQSGPELVKPGASVKISCKASGYTFTDYYMNWVKQSHGKSLEWIGGINPNNGGTSYNQKFKGKATLTVDKSSSTAY
MELRSLTSEDSAVYYCARNDGYRGYAMDYWGQGTSVTVSSASTKGPSVFPLAPSSKSTSGGTAALGCLVKDYFPEPVTVS
WNSGALTSGVHTFPAVLQSSGLYSLSSVVTVPSSSLGTQTYICNVNHKPSNTKVDKKVEPKSCHHHHHH
;
H
#
loop_
_chem_comp.id
_chem_comp.type
_chem_comp.name
_chem_comp.formula
SO4 non-polymer 'SULFATE ION' 'O4 S -2'
#
# COMPACT_ATOMS: atom_id res chain seq x y z
N ASP A 1 -26.78 7.30 11.03
CA ASP A 1 -26.64 7.83 9.67
C ASP A 1 -26.05 9.23 9.70
N ILE A 2 -24.76 9.33 9.99
CA ILE A 2 -24.09 10.63 9.95
C ILE A 2 -23.16 10.68 8.72
N VAL A 3 -23.10 11.83 8.07
CA VAL A 3 -22.25 11.99 6.89
C VAL A 3 -21.01 12.79 7.23
N MET A 4 -19.84 12.16 7.15
CA MET A 4 -18.57 12.85 7.43
C MET A 4 -17.90 13.33 6.13
N SER A 5 -17.77 14.64 5.98
CA SER A 5 -17.27 15.22 4.73
C SER A 5 -16.00 16.04 4.89
N GLN A 6 -14.88 15.47 4.45
CA GLN A 6 -13.60 16.15 4.56
C GLN A 6 -13.18 16.91 3.31
N SER A 7 -12.84 18.18 3.48
CA SER A 7 -12.23 18.97 2.42
C SER A 7 -10.91 19.50 2.95
N PRO A 8 -9.89 19.54 2.10
CA PRO A 8 -9.91 19.14 0.69
C PRO A 8 -9.65 17.66 0.52
N SER A 9 -9.96 17.13 -0.64
CA SER A 9 -9.76 15.71 -0.87
C SER A 9 -8.27 15.39 -0.87
N SER A 10 -7.44 16.39 -1.20
CA SER A 10 -6.00 16.22 -1.22
C SER A 10 -5.35 17.58 -1.24
N LEU A 11 -4.08 17.64 -0.80
CA LEU A 11 -3.27 18.85 -0.90
C LEU A 11 -1.75 18.60 -0.87
N ALA A 12 -0.98 19.57 -1.37
CA ALA A 12 0.48 19.51 -1.30
C ALA A 12 1.04 20.54 -0.31
N VAL A 13 2.30 20.40 0.08
CA VAL A 13 2.88 21.22 1.13
C VAL A 13 4.40 21.01 1.17
N SER A 14 5.15 22.05 1.51
CA SER A 14 6.59 21.93 1.72
C SER A 14 6.89 21.52 3.16
N VAL A 15 8.00 20.83 3.40
CA VAL A 15 8.43 20.55 4.77
C VAL A 15 8.54 21.87 5.52
N GLY A 16 7.87 21.95 6.66
CA GLY A 16 7.95 23.15 7.48
C GLY A 16 6.69 23.99 7.42
N GLU A 17 5.89 23.82 6.38
CA GLU A 17 4.68 24.61 6.28
C GLU A 17 3.66 24.18 7.33
N LYS A 18 2.49 24.84 7.33
CA LYS A 18 1.41 24.48 8.22
C LYS A 18 0.22 23.97 7.41
N VAL A 19 -0.34 22.84 7.86
CA VAL A 19 -1.44 22.15 7.21
C VAL A 19 -2.70 22.14 8.09
N THR A 20 -3.86 22.30 7.47
CA THR A 20 -5.10 22.43 8.19
C THR A 20 -6.27 21.87 7.36
N MET A 21 -6.71 20.68 7.73
CA MET A 21 -7.79 20.01 7.04
C MET A 21 -8.98 20.08 7.96
N SER A 22 -10.19 20.03 7.41
CA SER A 22 -11.38 20.12 8.24
C SER A 22 -12.27 18.94 7.96
N CYS A 23 -13.34 18.85 8.74
CA CYS A 23 -14.18 17.67 8.73
C CYS A 23 -15.52 18.03 9.31
N LYS A 24 -16.44 18.40 8.43
CA LYS A 24 -17.78 18.77 8.86
C LYS A 24 -18.58 17.50 9.09
N SER A 25 -19.44 17.51 10.09
CA SER A 25 -20.32 16.38 10.31
C SER A 25 -21.76 16.82 10.11
N SER A 26 -22.55 16.01 9.43
CA SER A 26 -23.94 16.37 9.21
C SER A 26 -24.69 16.47 10.55
N GLN A 27 -24.21 15.77 11.57
CA GLN A 27 -24.86 15.77 12.86
C GLN A 27 -23.90 16.20 13.96
N SER A 28 -24.40 17.02 14.89
CA SER A 28 -23.62 17.47 16.03
C SER A 28 -23.09 16.30 16.83
N LEU A 29 -21.81 16.37 17.20
CA LEU A 29 -21.12 15.27 17.83
C LEU A 29 -20.84 15.53 19.29
N LEU A 30 -21.69 16.32 19.94
CA LEU A 30 -21.43 16.73 21.33
C LEU A 30 -22.43 16.18 22.35
N TYR A 31 -21.90 15.60 23.43
CA TYR A 31 -22.75 14.94 24.43
C TYR A 31 -22.86 15.76 25.71
N SER A 32 -24.05 16.35 25.89
CA SER A 32 -24.37 17.27 27.00
C SER A 32 -23.93 16.79 28.39
N SER A 33 -23.98 15.48 28.59
CA SER A 33 -23.51 14.86 29.82
C SER A 33 -21.98 14.89 29.84
N ASN A 34 -21.39 14.58 28.70
CA ASN A 34 -19.95 14.48 28.60
C ASN A 34 -19.28 15.82 28.39
N GLN A 35 -19.90 16.62 27.54
CA GLN A 35 -19.25 17.79 26.94
C GLN A 35 -17.95 17.35 26.27
N LYS A 36 -17.93 16.09 25.82
CA LYS A 36 -16.80 15.51 25.06
C LYS A 36 -17.26 15.27 23.64
N ASN A 37 -16.40 15.59 22.68
CA ASN A 37 -16.72 15.38 21.26
C ASN A 37 -16.33 14.00 20.72
N TYR A 38 -17.30 13.33 20.12
CA TYR A 38 -17.13 11.95 19.72
C TYR A 38 -16.60 11.86 18.31
N LEU A 39 -15.35 12.31 18.15
CA LEU A 39 -14.68 12.29 16.86
C LEU A 39 -13.20 12.00 17.02
N ALA A 40 -12.68 11.18 16.12
CA ALA A 40 -11.29 10.73 16.12
C ALA A 40 -10.63 11.02 14.78
N TRP A 41 -9.31 11.22 14.82
CA TRP A 41 -8.53 11.33 13.58
C TRP A 41 -7.58 10.14 13.48
N TYR A 42 -7.56 9.50 12.31
CA TYR A 42 -6.60 8.43 12.06
C TYR A 42 -5.67 8.86 10.94
N GLN A 43 -4.49 8.28 10.92
CA GLN A 43 -3.49 8.53 9.90
C GLN A 43 -3.20 7.21 9.21
N GLN A 44 -2.87 7.24 7.93
CA GLN A 44 -2.59 6.00 7.20
C GLN A 44 -1.50 6.26 6.19
N LYS A 45 -0.30 5.86 6.52
CA LYS A 45 0.80 6.03 5.62
C LYS A 45 0.70 4.91 4.62
N PRO A 46 1.14 5.18 3.37
CA PRO A 46 1.13 4.20 2.30
C PRO A 46 1.51 2.79 2.76
N GLY A 47 0.61 1.83 2.50
CA GLY A 47 0.90 0.43 2.76
C GLY A 47 0.78 0.01 4.22
N GLN A 48 0.10 0.84 5.02
CA GLN A 48 -0.03 0.57 6.45
C GLN A 48 -1.45 0.73 6.93
N SER A 49 -1.75 0.10 8.06
CA SER A 49 -3.07 0.24 8.67
C SER A 49 -3.21 1.60 9.33
N PRO A 50 -4.47 2.05 9.51
CA PRO A 50 -4.77 3.36 10.11
C PRO A 50 -4.34 3.42 11.56
N LYS A 51 -3.55 4.44 11.87
CA LYS A 51 -3.00 4.69 13.20
C LYS A 51 -3.70 5.91 13.79
N LEU A 52 -4.16 5.79 15.05
CA LEU A 52 -4.91 6.85 15.73
C LEU A 52 -4.07 8.06 16.12
N LEU A 53 -4.47 9.24 15.64
CA LEU A 53 -3.84 10.49 16.04
C LEU A 53 -4.50 11.11 17.26
N ILE A 54 -5.82 11.30 17.18
CA ILE A 54 -6.55 12.16 18.11
C ILE A 54 -7.94 11.62 18.43
N TYR A 55 -8.31 11.55 19.70
CA TYR A 55 -9.66 11.17 20.06
C TYR A 55 -10.25 12.25 20.96
N TRP A 56 -11.56 12.14 21.18
CA TRP A 56 -12.35 13.14 21.89
C TRP A 56 -12.28 14.47 21.14
N ALA A 57 -11.90 14.39 19.86
CA ALA A 57 -11.67 15.55 18.98
C ALA A 57 -10.43 16.41 19.30
N SER A 58 -10.02 16.46 20.56
CA SER A 58 -8.91 17.33 21.00
C SER A 58 -7.68 16.60 21.49
N THR A 59 -7.87 15.41 22.05
CA THR A 59 -6.84 14.71 22.81
C THR A 59 -5.90 13.84 21.95
N ARG A 60 -4.60 14.03 22.08
CA ARG A 60 -3.67 13.18 21.35
C ARG A 60 -3.55 11.78 21.97
N GLU A 61 -3.47 10.76 21.12
CA GLU A 61 -3.10 9.43 21.59
C GLU A 61 -1.63 9.55 21.96
N SER A 62 -1.14 8.68 22.82
CA SER A 62 0.26 8.78 23.25
C SER A 62 1.17 8.46 22.07
N GLY A 63 2.36 9.09 22.06
CA GLY A 63 3.35 8.77 21.05
C GLY A 63 3.12 9.51 19.75
N VAL A 64 1.98 10.20 19.67
CA VAL A 64 1.67 11.08 18.54
C VAL A 64 2.24 12.47 18.84
N PRO A 65 3.20 12.95 18.01
CA PRO A 65 3.95 14.21 18.19
C PRO A 65 3.08 15.45 18.40
N ASP A 66 3.61 16.49 19.05
CA ASP A 66 2.81 17.69 19.41
C ASP A 66 2.41 18.53 18.21
N ARG A 67 2.87 18.13 17.03
CA ARG A 67 2.67 18.89 15.81
C ARG A 67 1.25 18.75 15.32
N PHE A 68 0.62 17.63 15.67
CA PHE A 68 -0.78 17.39 15.33
C PHE A 68 -1.71 17.86 16.43
N THR A 69 -2.52 18.87 16.15
CA THR A 69 -3.47 19.32 17.16
C THR A 69 -4.90 19.12 16.68
N GLY A 70 -5.74 18.56 17.55
CA GLY A 70 -7.15 18.40 17.23
C GLY A 70 -7.95 19.60 17.69
N SER A 71 -8.87 20.04 16.84
CA SER A 71 -9.67 21.23 17.11
C SER A 71 -11.05 21.14 16.51
N GLY A 72 -11.98 21.86 17.11
CA GLY A 72 -13.34 21.90 16.63
C GLY A 72 -14.32 21.44 17.69
N SER A 73 -15.59 21.79 17.48
CA SER A 73 -16.66 21.39 18.37
C SER A 73 -17.93 21.21 17.56
N GLY A 74 -18.84 20.37 18.05
CA GLY A 74 -20.15 20.20 17.45
C GLY A 74 -20.19 19.59 16.07
N THR A 75 -20.13 20.44 15.05
CA THR A 75 -20.32 19.99 13.67
C THR A 75 -19.07 20.20 12.86
N ASP A 76 -18.24 21.14 13.30
CA ASP A 76 -17.07 21.49 12.52
C ASP A 76 -15.76 21.27 13.27
N PHE A 77 -14.83 20.59 12.60
CA PHE A 77 -13.55 20.21 13.18
C PHE A 77 -12.42 20.52 12.21
N THR A 78 -11.19 20.31 12.67
CA THR A 78 -10.00 20.66 11.91
C THR A 78 -8.75 19.98 12.48
N LEU A 79 -8.02 19.28 11.64
CA LEU A 79 -6.74 18.74 12.03
C LEU A 79 -5.67 19.68 11.54
N THR A 80 -4.66 19.91 12.36
CA THR A 80 -3.63 20.87 12.05
C THR A 80 -2.27 20.19 12.15
N ILE A 81 -1.36 20.54 11.26
CA ILE A 81 0.02 20.16 11.45
C ILE A 81 0.86 21.42 11.32
N SER A 82 1.68 21.67 12.34
CA SER A 82 2.38 22.92 12.50
C SER A 82 3.65 23.03 11.69
N SER A 83 4.39 21.92 11.61
CA SER A 83 5.65 21.91 10.88
C SER A 83 5.77 20.58 10.16
N VAL A 84 5.17 20.52 8.98
CA VAL A 84 5.10 19.30 8.19
C VAL A 84 6.44 18.63 8.03
N LYS A 85 6.52 17.38 8.42
CA LYS A 85 7.73 16.61 8.25
C LYS A 85 7.60 15.96 6.89
N ALA A 86 8.71 15.44 6.36
CA ALA A 86 8.64 14.76 5.09
C ALA A 86 7.97 13.37 5.23
N GLU A 87 7.76 12.94 6.47
CA GLU A 87 7.29 11.58 6.75
C GLU A 87 5.78 11.56 6.95
N ASP A 88 5.20 12.74 7.11
CA ASP A 88 3.79 12.88 7.40
C ASP A 88 2.87 12.58 6.21
N LEU A 89 3.46 12.29 5.05
CA LEU A 89 2.67 11.91 3.88
C LEU A 89 1.75 10.76 4.25
N ALA A 90 0.45 10.94 4.02
CA ALA A 90 -0.54 9.94 4.40
C ALA A 90 -1.94 10.35 3.99
N VAL A 91 -2.91 9.53 4.34
CA VAL A 91 -4.31 9.85 4.15
C VAL A 91 -4.97 9.96 5.51
N TYR A 92 -5.46 11.16 5.84
CA TYR A 92 -6.05 11.40 7.16
C TYR A 92 -7.55 11.33 7.14
N TYR A 93 -8.07 10.48 8.01
CA TYR A 93 -9.49 10.21 8.07
C TYR A 93 -10.05 10.79 9.34
N CYS A 94 -11.18 11.49 9.25
CA CYS A 94 -11.96 11.74 10.47
C CYS A 94 -13.05 10.69 10.57
N GLN A 95 -13.33 10.25 11.79
CA GLN A 95 -14.40 9.30 12.01
C GLN A 95 -15.25 9.85 13.14
N GLN A 96 -16.55 9.63 13.08
CA GLN A 96 -17.36 9.93 14.25
C GLN A 96 -17.74 8.64 14.99
N TYR A 97 -17.82 8.72 16.30
CA TYR A 97 -18.41 7.64 17.09
C TYR A 97 -19.47 8.14 18.07
N TYR A 98 -20.29 9.09 17.61
CA TYR A 98 -21.38 9.60 18.42
C TYR A 98 -22.55 8.63 18.29
N SER A 99 -22.55 7.90 17.18
CA SER A 99 -23.38 6.69 17.05
C SER A 99 -22.57 5.66 16.28
N TYR A 100 -23.23 4.84 15.48
CA TYR A 100 -22.52 3.80 14.74
C TYR A 100 -21.50 4.42 13.81
N PRO A 101 -20.23 4.08 14.02
CA PRO A 101 -19.05 4.62 13.33
C PRO A 101 -19.16 4.81 11.82
N THR A 102 -18.78 6.00 11.38
CA THR A 102 -18.72 6.36 9.96
C THR A 102 -17.48 7.19 9.71
N PHE A 103 -16.91 7.05 8.53
CA PHE A 103 -15.63 7.71 8.24
C PHE A 103 -15.81 8.91 7.31
N GLY A 104 -14.77 9.70 7.13
CA GLY A 104 -14.80 10.71 6.09
C GLY A 104 -14.16 10.09 4.88
N ALA A 105 -14.14 10.81 3.76
CA ALA A 105 -13.46 10.35 2.55
C ALA A 105 -11.93 10.25 2.71
N GLY A 106 -11.37 11.03 3.62
CA GLY A 106 -9.94 11.08 3.76
C GLY A 106 -9.46 12.38 3.15
N THR A 107 -8.24 12.81 3.52
CA THR A 107 -7.59 13.94 2.86
C THR A 107 -6.17 13.51 2.54
N LYS A 108 -5.80 13.47 1.27
CA LYS A 108 -4.47 12.95 0.94
C LYS A 108 -3.36 13.99 1.06
N LEU A 109 -2.39 13.73 1.94
CA LEU A 109 -1.33 14.71 2.15
C LEU A 109 -0.10 14.46 1.27
N GLU A 110 0.07 15.29 0.23
CA GLU A 110 1.27 15.21 -0.60
C GLU A 110 2.32 16.21 -0.13
N LEU A 111 3.60 15.90 -0.34
CA LEU A 111 4.67 16.80 0.03
C LEU A 111 5.18 17.58 -1.19
N LYS A 112 5.57 18.84 -0.98
CA LYS A 112 6.12 19.65 -2.09
C LYS A 112 7.65 19.78 -2.00
N ARG A 113 8.32 19.59 -3.12
CA ARG A 113 9.77 19.67 -3.18
C ARG A 113 10.20 20.18 -4.54
N THR A 114 11.51 20.29 -4.73
CA THR A 114 12.09 20.86 -5.94
C THR A 114 12.17 19.83 -7.07
N VAL A 115 12.32 20.30 -8.29
CA VAL A 115 12.50 19.40 -9.41
C VAL A 115 13.72 18.52 -9.19
N ALA A 116 13.48 17.22 -9.05
CA ALA A 116 14.55 16.25 -9.14
C ALA A 116 14.41 15.55 -10.49
N ALA A 117 15.55 15.34 -11.16
CA ALA A 117 15.61 14.61 -12.42
C ALA A 117 15.77 13.13 -12.16
N PRO A 118 15.13 12.29 -12.99
CA PRO A 118 15.13 10.85 -12.73
C PRO A 118 16.39 10.13 -13.20
N SER A 119 16.82 9.12 -12.45
CA SER A 119 17.92 8.26 -12.87
C SER A 119 17.38 7.12 -13.73
N VAL A 120 17.83 7.04 -14.99
CA VAL A 120 17.35 5.98 -15.88
C VAL A 120 18.25 4.71 -15.93
N PHE A 121 17.62 3.56 -15.85
CA PHE A 121 18.30 2.28 -16.02
C PHE A 121 17.55 1.42 -17.06
N ILE A 122 18.01 0.19 -17.26
CA ILE A 122 17.34 -0.70 -18.20
C ILE A 122 17.77 -2.15 -17.96
N PHE A 123 16.86 -3.08 -18.17
CA PHE A 123 17.12 -4.48 -17.83
C PHE A 123 16.82 -5.49 -18.93
N PRO A 124 17.82 -6.31 -19.27
CA PRO A 124 17.66 -7.38 -20.26
C PRO A 124 16.74 -8.43 -19.68
N PRO A 125 16.03 -9.17 -20.54
CA PRO A 125 15.28 -10.31 -20.02
C PRO A 125 16.24 -11.40 -19.61
N SER A 126 16.08 -11.90 -18.40
CA SER A 126 16.95 -12.94 -17.87
C SER A 126 16.92 -14.21 -18.70
N ASP A 127 17.86 -15.10 -18.41
CA ASP A 127 17.96 -16.38 -19.10
C ASP A 127 16.77 -17.24 -18.71
N GLU A 128 16.63 -17.46 -17.41
CA GLU A 128 15.54 -18.26 -16.87
C GLU A 128 14.14 -17.88 -17.40
N GLN A 129 13.99 -16.64 -17.86
CA GLN A 129 12.73 -16.20 -18.42
C GLN A 129 12.67 -16.49 -19.91
N LEU A 130 13.64 -15.97 -20.66
CA LEU A 130 13.71 -16.23 -22.09
C LEU A 130 13.63 -17.71 -22.37
N LYS A 131 14.21 -18.51 -21.48
CA LYS A 131 14.15 -19.97 -21.55
C LYS A 131 12.74 -20.52 -21.26
N SER A 132 11.75 -19.63 -21.22
CA SER A 132 10.36 -20.04 -21.04
C SER A 132 9.47 -19.45 -22.14
N GLY A 133 10.08 -18.83 -23.15
CA GLY A 133 9.33 -18.33 -24.28
C GLY A 133 8.87 -16.89 -24.14
N THR A 134 9.01 -16.33 -22.95
CA THR A 134 8.60 -14.95 -22.72
C THR A 134 9.82 -14.01 -22.71
N ALA A 135 9.57 -12.71 -22.74
CA ALA A 135 10.66 -11.74 -22.84
C ALA A 135 10.26 -10.37 -22.35
N SER A 136 10.56 -10.08 -21.08
CA SER A 136 10.21 -8.80 -20.46
C SER A 136 11.43 -7.88 -20.21
N VAL A 137 11.48 -6.77 -20.94
CA VAL A 137 12.50 -5.74 -20.75
C VAL A 137 11.94 -4.59 -19.89
N VAL A 138 12.78 -4.06 -19.01
CA VAL A 138 12.37 -3.19 -17.90
C VAL A 138 13.12 -1.85 -17.86
N CYS A 139 12.37 -0.75 -17.65
CA CYS A 139 12.94 0.58 -17.51
C CYS A 139 12.68 1.15 -16.10
N LEU A 140 13.72 1.60 -15.40
CA LEU A 140 13.57 2.07 -14.02
C LEU A 140 13.85 3.57 -13.85
N LEU A 141 12.79 4.35 -13.67
CA LEU A 141 12.97 5.78 -13.40
C LEU A 141 13.01 6.07 -11.90
N ASN A 142 14.20 6.17 -11.36
CA ASN A 142 14.42 6.28 -9.93
C ASN A 142 14.56 7.72 -9.44
N ASN A 143 13.63 8.15 -8.58
CA ASN A 143 13.79 9.36 -7.75
C ASN A 143 13.67 10.68 -8.46
N PHE A 144 12.48 10.96 -8.96
CA PHE A 144 12.23 12.24 -9.59
C PHE A 144 11.08 12.94 -8.92
N TYR A 145 10.85 14.17 -9.35
CA TYR A 145 9.67 14.93 -8.94
C TYR A 145 9.42 16.04 -9.96
N PRO A 146 8.16 16.25 -10.37
CA PRO A 146 6.88 15.66 -9.96
C PRO A 146 6.61 14.25 -10.50
N ARG A 147 5.36 13.81 -10.38
CA ARG A 147 4.98 12.44 -10.73
C ARG A 147 4.71 12.26 -12.22
N GLU A 148 4.43 13.35 -12.93
CA GLU A 148 4.36 13.25 -14.38
C GLU A 148 5.74 12.92 -14.93
N ALA A 149 5.80 11.86 -15.73
CA ALA A 149 7.02 11.46 -16.42
C ALA A 149 6.64 10.56 -17.58
N LYS A 150 6.86 11.02 -18.81
CA LYS A 150 6.56 10.22 -19.98
C LYS A 150 7.74 9.28 -20.25
N VAL A 151 7.44 8.07 -20.73
CA VAL A 151 8.43 7.01 -20.94
C VAL A 151 8.07 6.21 -22.21
N GLN A 152 8.76 6.50 -23.30
CA GLN A 152 8.48 5.81 -24.57
C GLN A 152 9.52 4.77 -24.83
N TRP A 153 9.09 3.52 -24.95
CA TRP A 153 9.99 2.46 -25.35
C TRP A 153 10.17 2.57 -26.85
N LYS A 154 11.39 2.38 -27.33
CA LYS A 154 11.58 2.27 -28.77
C LYS A 154 12.37 1.00 -29.11
N VAL A 155 12.04 0.38 -30.23
CA VAL A 155 12.75 -0.80 -30.68
C VAL A 155 13.24 -0.48 -32.06
N ASP A 156 14.55 -0.61 -32.31
CA ASP A 156 15.12 -0.28 -33.62
C ASP A 156 14.56 1.01 -34.21
N ASN A 157 14.45 2.03 -33.37
CA ASN A 157 13.84 3.30 -33.78
C ASN A 157 12.40 3.17 -34.27
N ALA A 158 11.70 2.16 -33.76
CA ALA A 158 10.28 2.02 -34.02
C ALA A 158 9.49 2.17 -32.71
N LEU A 159 8.82 3.32 -32.59
CA LEU A 159 7.96 3.60 -31.45
C LEU A 159 6.95 2.49 -31.23
N GLN A 160 6.95 1.93 -30.04
CA GLN A 160 5.95 0.93 -29.70
C GLN A 160 4.69 1.58 -29.15
N SER A 161 3.66 0.77 -28.97
CA SER A 161 2.41 1.21 -28.35
C SER A 161 1.64 -0.05 -27.98
N GLY A 162 1.16 -0.13 -26.75
CA GLY A 162 0.30 -1.22 -26.32
C GLY A 162 1.04 -2.45 -25.82
N ASN A 163 2.34 -2.31 -25.59
CA ASN A 163 3.15 -3.45 -25.17
C ASN A 163 3.97 -3.21 -23.90
N SER A 164 3.55 -2.21 -23.12
CA SER A 164 4.20 -1.89 -21.84
C SER A 164 3.24 -1.36 -20.77
N GLN A 165 3.62 -1.57 -19.52
CA GLN A 165 2.79 -1.23 -18.38
C GLN A 165 3.60 -0.59 -17.27
N GLU A 166 3.24 0.64 -16.93
CA GLU A 166 3.98 1.43 -15.95
C GLU A 166 3.45 1.20 -14.55
N SER A 167 4.32 1.41 -13.56
CA SER A 167 3.95 1.31 -12.15
C SER A 167 4.70 2.40 -11.40
N VAL A 168 3.97 3.19 -10.61
CA VAL A 168 4.57 4.28 -9.83
C VAL A 168 4.50 4.00 -8.35
N THR A 169 5.63 4.13 -7.66
CA THR A 169 5.63 4.02 -6.19
C THR A 169 4.99 5.26 -5.55
N GLU A 170 4.73 5.17 -4.25
CA GLU A 170 4.29 6.32 -3.48
C GLU A 170 5.48 7.17 -3.13
N GLN A 171 5.21 8.37 -2.63
CA GLN A 171 6.27 9.31 -2.36
C GLN A 171 7.18 8.76 -1.31
N ASP A 172 8.49 8.88 -1.52
CA ASP A 172 9.43 8.54 -0.49
C ASP A 172 9.14 9.39 0.75
N SER A 173 9.43 8.82 1.92
CA SER A 173 9.17 9.50 3.18
C SER A 173 10.41 10.19 3.74
N LYS A 174 11.42 10.37 2.89
CA LYS A 174 12.60 11.13 3.26
C LYS A 174 12.86 12.16 2.19
N ASP A 175 12.96 11.69 0.94
CA ASP A 175 13.28 12.59 -0.16
C ASP A 175 12.06 13.12 -0.93
N SER A 176 10.88 12.56 -0.69
CA SER A 176 9.62 13.00 -1.32
C SER A 176 9.47 12.76 -2.85
N THR A 177 10.27 11.84 -3.37
CA THR A 177 10.39 11.59 -4.79
C THR A 177 9.45 10.50 -5.25
N TYR A 178 9.74 9.97 -6.45
CA TYR A 178 8.98 8.85 -6.98
C TYR A 178 9.89 7.89 -7.76
N SER A 179 9.53 6.61 -7.76
CA SER A 179 10.17 5.64 -8.65
C SER A 179 9.12 5.07 -9.60
N LEU A 180 9.57 4.71 -10.80
CA LEU A 180 8.64 4.34 -11.85
C LEU A 180 9.22 3.21 -12.65
N SER A 181 8.50 2.11 -12.69
CA SER A 181 8.97 0.93 -13.38
C SER A 181 8.13 0.73 -14.63
N SER A 182 8.80 0.67 -15.78
CA SER A 182 8.15 0.53 -17.08
C SER A 182 8.57 -0.76 -17.76
N THR A 183 7.71 -1.77 -17.68
CA THR A 183 8.02 -3.10 -18.21
C THR A 183 7.52 -3.28 -19.64
N LEU A 184 8.41 -3.70 -20.54
CA LEU A 184 8.02 -4.00 -21.91
C LEU A 184 8.12 -5.49 -22.14
N THR A 185 7.00 -6.10 -22.47
CA THR A 185 6.96 -7.55 -22.62
C THR A 185 6.42 -7.94 -23.97
N LEU A 186 7.16 -8.81 -24.65
CA LEU A 186 6.73 -9.38 -25.92
C LEU A 186 7.28 -10.79 -26.00
N SER A 187 6.97 -11.50 -27.08
CA SER A 187 7.44 -12.87 -27.23
C SER A 187 8.95 -12.93 -27.51
N LYS A 188 9.60 -13.95 -26.95
CA LYS A 188 11.02 -14.19 -27.20
C LYS A 188 11.34 -14.15 -28.70
N ALA A 189 10.40 -14.65 -29.50
CA ALA A 189 10.52 -14.60 -30.95
C ALA A 189 10.35 -13.19 -31.50
N ASP A 190 9.80 -12.30 -30.70
CA ASP A 190 9.76 -10.91 -31.11
C ASP A 190 10.99 -10.24 -30.55
N TYR A 191 11.49 -10.82 -29.45
CA TYR A 191 12.70 -10.32 -28.83
C TYR A 191 13.82 -10.41 -29.85
N GLU A 192 14.07 -11.60 -30.36
CA GLU A 192 15.16 -11.81 -31.28
C GLU A 192 14.83 -11.47 -32.74
N LYS A 193 14.00 -10.45 -32.96
CA LYS A 193 13.73 -9.95 -34.31
C LYS A 193 14.26 -8.54 -34.45
N HIS A 194 14.90 -8.04 -33.38
CA HIS A 194 15.42 -6.68 -33.39
C HIS A 194 16.71 -6.59 -32.60
N LYS A 195 17.23 -5.36 -32.49
CA LYS A 195 18.56 -5.13 -31.93
C LYS A 195 18.52 -4.01 -30.89
N VAL A 196 18.05 -2.83 -31.32
CA VAL A 196 17.92 -1.64 -30.47
C VAL A 196 16.75 -1.75 -29.50
N TYR A 197 17.03 -1.62 -28.20
CA TYR A 197 16.00 -1.59 -27.16
C TYR A 197 16.25 -0.41 -26.22
N ALA A 198 15.49 0.66 -26.41
CA ALA A 198 15.73 1.90 -25.71
C ALA A 198 14.57 2.31 -24.83
N CYS A 199 14.79 3.35 -24.01
CA CYS A 199 13.74 3.86 -23.13
C CYS A 199 13.71 5.40 -23.03
N GLU A 200 13.03 6.06 -23.97
CA GLU A 200 13.09 7.52 -24.02
C GLU A 200 12.23 8.19 -22.97
N VAL A 201 12.87 9.05 -22.17
CA VAL A 201 12.29 9.70 -20.98
C VAL A 201 12.13 11.22 -21.07
N THR A 202 10.88 11.67 -20.99
CA THR A 202 10.53 13.07 -20.87
C THR A 202 10.18 13.38 -19.40
N HIS A 203 10.52 14.57 -18.94
CA HIS A 203 10.23 14.98 -17.57
C HIS A 203 10.46 16.49 -17.46
N GLN A 204 10.29 17.04 -16.27
CA GLN A 204 10.56 18.46 -16.04
C GLN A 204 11.99 18.72 -15.57
N GLY A 205 12.54 17.80 -14.78
CA GLY A 205 13.92 17.87 -14.33
C GLY A 205 14.87 17.43 -15.41
N LEU A 206 14.33 17.19 -16.61
CA LEU A 206 15.15 16.92 -17.78
C LEU A 206 14.96 18.02 -18.83
N SER A 207 16.05 18.50 -19.40
CA SER A 207 15.94 19.53 -20.44
C SER A 207 15.80 18.83 -21.78
N SER A 208 16.65 17.83 -21.99
CA SER A 208 16.66 17.05 -23.22
C SER A 208 16.34 15.61 -22.83
N PRO A 209 15.30 15.02 -23.48
CA PRO A 209 14.84 13.65 -23.21
C PRO A 209 15.98 12.68 -23.06
N VAL A 210 15.95 11.87 -22.01
CA VAL A 210 17.05 10.97 -21.71
C VAL A 210 16.77 9.55 -22.21
N THR A 211 17.60 9.08 -23.12
CA THR A 211 17.45 7.72 -23.64
C THR A 211 18.49 6.79 -23.03
N LYS A 212 18.04 5.62 -22.60
CA LYS A 212 18.94 4.58 -22.16
C LYS A 212 18.52 3.37 -22.97
N SER A 213 19.49 2.56 -23.37
CA SER A 213 19.26 1.51 -24.34
C SER A 213 20.30 0.41 -24.21
N PHE A 214 20.10 -0.68 -24.94
CA PHE A 214 21.06 -1.77 -25.00
C PHE A 214 20.79 -2.64 -26.22
N ASN A 215 21.70 -3.56 -26.52
CA ASN A 215 21.56 -4.43 -27.70
C ASN A 215 21.62 -5.90 -27.30
N ARG A 216 20.74 -6.70 -27.91
CA ARG A 216 20.56 -8.12 -27.56
C ARG A 216 21.85 -8.94 -27.55
N GLU B 1 3.94 -3.75 22.34
CA GLU B 1 3.52 -4.81 23.26
C GLU B 1 2.10 -5.26 22.96
N VAL B 2 1.24 -4.32 22.59
CA VAL B 2 -0.13 -4.64 22.18
C VAL B 2 -0.17 -4.99 20.70
N GLN B 3 -0.22 -6.29 20.41
CA GLN B 3 -0.13 -6.77 19.05
C GLN B 3 -1.46 -7.34 18.61
N LEU B 4 -1.92 -6.95 17.44
CA LEU B 4 -3.08 -7.57 16.81
C LEU B 4 -2.61 -8.30 15.53
N GLN B 5 -2.71 -9.63 15.51
CA GLN B 5 -2.29 -10.44 14.35
C GLN B 5 -3.45 -11.12 13.63
N GLN B 6 -3.71 -10.74 12.38
CA GLN B 6 -4.75 -11.41 11.61
C GLN B 6 -4.18 -12.48 10.66
N SER B 7 -5.07 -13.17 9.95
CA SER B 7 -4.69 -14.33 9.16
C SER B 7 -3.78 -13.96 8.00
N GLY B 8 -3.93 -14.67 6.87
CA GLY B 8 -3.19 -14.30 5.67
C GLY B 8 -4.10 -13.95 4.51
N PRO B 9 -3.52 -13.79 3.31
CA PRO B 9 -4.33 -13.64 2.10
C PRO B 9 -5.36 -14.78 1.96
N GLU B 10 -6.58 -14.41 1.56
CA GLU B 10 -7.59 -15.41 1.24
C GLU B 10 -7.96 -15.35 -0.24
N LEU B 11 -7.86 -16.51 -0.91
CA LEU B 11 -8.44 -16.65 -2.24
C LEU B 11 -9.70 -17.54 -2.13
N VAL B 12 -10.87 -16.93 -2.30
CA VAL B 12 -12.12 -17.64 -2.20
C VAL B 12 -12.95 -17.53 -3.48
N LYS B 13 -13.70 -18.60 -3.75
CA LYS B 13 -14.51 -18.75 -4.94
C LYS B 13 -15.85 -18.06 -4.70
N PRO B 14 -16.32 -17.27 -5.68
CA PRO B 14 -17.59 -16.54 -5.61
C PRO B 14 -18.69 -17.36 -5.00
N GLY B 15 -19.33 -16.85 -3.96
CA GLY B 15 -20.42 -17.60 -3.33
C GLY B 15 -20.03 -18.47 -2.15
N ALA B 16 -18.73 -18.75 -1.97
CA ALA B 16 -18.27 -19.50 -0.82
C ALA B 16 -18.39 -18.64 0.45
N SER B 17 -17.64 -19.01 1.50
CA SER B 17 -17.50 -18.17 2.69
C SER B 17 -16.03 -18.04 3.07
N VAL B 18 -15.72 -17.03 3.87
CA VAL B 18 -14.39 -16.93 4.42
C VAL B 18 -14.41 -16.48 5.88
N LYS B 19 -13.54 -17.06 6.70
CA LYS B 19 -13.37 -16.61 8.06
C LYS B 19 -11.91 -16.21 8.25
N ILE B 20 -11.70 -14.94 8.57
CA ILE B 20 -10.36 -14.49 8.90
C ILE B 20 -10.27 -14.23 10.39
N SER B 21 -9.08 -14.42 10.94
CA SER B 21 -8.91 -14.38 12.39
C SER B 21 -8.17 -13.14 12.83
N CYS B 22 -8.01 -13.01 14.13
CA CYS B 22 -7.29 -11.89 14.76
C CYS B 22 -7.02 -12.30 16.17
N LYS B 23 -5.78 -12.67 16.44
CA LYS B 23 -5.35 -12.85 17.82
C LYS B 23 -4.79 -11.53 18.34
N ALA B 24 -5.37 -11.04 19.43
CA ALA B 24 -4.91 -9.84 20.10
C ALA B 24 -3.97 -10.23 21.22
N SER B 25 -2.82 -9.56 21.32
CA SER B 25 -1.88 -9.90 22.39
C SER B 25 -1.10 -8.71 22.96
N GLY B 26 -1.27 -8.46 24.25
CA GLY B 26 -0.55 -7.39 24.93
C GLY B 26 -1.44 -6.61 25.88
N TYR B 27 -2.67 -7.07 26.05
CA TYR B 27 -3.65 -6.38 26.88
C TYR B 27 -4.71 -7.38 27.31
N THR B 28 -5.57 -6.97 28.25
CA THR B 28 -6.58 -7.88 28.75
C THR B 28 -7.81 -7.86 27.86
N PHE B 29 -7.89 -8.87 27.01
CA PHE B 29 -8.84 -8.92 25.91
C PHE B 29 -10.30 -8.67 26.26
N THR B 30 -10.65 -8.75 27.54
CA THR B 30 -12.07 -8.81 27.92
C THR B 30 -12.70 -7.47 28.31
N ASP B 31 -11.88 -6.43 28.41
CA ASP B 31 -12.42 -5.10 28.67
C ASP B 31 -12.06 -4.17 27.52
N TYR B 32 -12.28 -4.67 26.31
CA TYR B 32 -12.04 -3.98 25.05
C TYR B 32 -12.85 -4.68 23.98
N TYR B 33 -13.84 -4.00 23.40
CA TYR B 33 -14.53 -4.48 22.20
C TYR B 33 -13.53 -4.69 21.06
N MET B 34 -14.03 -5.15 19.91
CA MET B 34 -13.13 -5.45 18.81
C MET B 34 -13.82 -5.32 17.46
N ASN B 35 -13.28 -4.44 16.62
CA ASN B 35 -13.95 -4.07 15.38
C ASN B 35 -13.35 -4.69 14.14
N TRP B 36 -14.06 -4.56 13.03
CA TRP B 36 -13.59 -5.01 11.74
C TRP B 36 -13.94 -3.96 10.71
N VAL B 37 -12.94 -3.50 9.96
CA VAL B 37 -13.14 -2.40 9.04
C VAL B 37 -12.68 -2.79 7.65
N LYS B 38 -13.58 -2.73 6.67
CA LYS B 38 -13.22 -3.01 5.27
C LYS B 38 -12.44 -1.87 4.61
N GLN B 39 -11.51 -2.18 3.72
CA GLN B 39 -10.88 -1.15 2.91
C GLN B 39 -10.63 -1.58 1.46
N SER B 40 -11.56 -1.27 0.57
CA SER B 40 -11.40 -1.53 -0.86
C SER B 40 -10.21 -0.74 -1.39
N HIS B 41 -9.71 -1.10 -2.56
CA HIS B 41 -8.45 -0.54 -3.01
C HIS B 41 -8.71 0.91 -3.29
N GLY B 42 -7.68 1.74 -3.17
CA GLY B 42 -7.83 3.18 -3.41
C GLY B 42 -9.09 3.82 -2.87
N LYS B 43 -9.66 3.21 -1.84
CA LYS B 43 -10.90 3.68 -1.23
C LYS B 43 -10.75 3.78 0.28
N SER B 44 -11.63 4.54 0.92
CA SER B 44 -11.57 4.81 2.35
C SER B 44 -12.04 3.63 3.20
N LEU B 45 -12.10 3.88 4.51
CA LEU B 45 -12.40 2.83 5.49
C LEU B 45 -13.90 2.69 5.68
N GLU B 46 -14.35 1.48 6.04
CA GLU B 46 -15.76 1.18 6.26
C GLU B 46 -15.88 0.24 7.45
N TRP B 47 -16.43 0.72 8.56
CA TRP B 47 -16.63 -0.12 9.74
C TRP B 47 -17.68 -1.18 9.43
N ILE B 48 -17.44 -2.42 9.88
CA ILE B 48 -18.35 -3.51 9.58
C ILE B 48 -19.22 -3.87 10.78
N GLY B 49 -18.59 -3.95 11.93
CA GLY B 49 -19.30 -4.31 13.14
C GLY B 49 -18.29 -4.54 14.24
N GLY B 50 -18.75 -4.64 15.47
CA GLY B 50 -17.84 -4.81 16.59
C GLY B 50 -18.43 -5.64 17.71
N ILE B 51 -17.56 -6.38 18.40
CA ILE B 51 -18.01 -7.38 19.36
C ILE B 51 -17.25 -7.30 20.68
N ASN B 52 -17.95 -7.51 21.81
CA ASN B 52 -17.23 -7.71 23.06
C ASN B 52 -17.10 -9.18 23.39
N PRO B 53 -15.99 -9.55 24.02
CA PRO B 53 -15.66 -10.94 24.34
C PRO B 53 -16.57 -11.55 25.41
N ASN B 54 -17.12 -10.72 26.29
CA ASN B 54 -17.76 -11.22 27.50
C ASN B 54 -19.07 -11.97 27.32
N ASN B 55 -19.66 -11.86 26.14
CA ASN B 55 -20.93 -12.52 25.84
C ASN B 55 -21.13 -12.66 24.34
N GLY B 56 -20.15 -12.18 23.58
CA GLY B 56 -20.22 -12.20 22.12
C GLY B 56 -21.36 -11.35 21.61
N GLY B 57 -21.68 -10.28 22.34
CA GLY B 57 -22.70 -9.34 21.92
C GLY B 57 -22.18 -8.52 20.75
N THR B 58 -22.98 -8.40 19.69
CA THR B 58 -22.54 -7.69 18.49
C THR B 58 -23.35 -6.42 18.25
N SER B 59 -22.88 -5.60 17.31
CA SER B 59 -23.68 -4.53 16.69
C SER B 59 -23.08 -4.31 15.30
N TYR B 60 -23.92 -4.20 14.27
CA TYR B 60 -23.40 -4.23 12.91
C TYR B 60 -23.62 -2.97 12.09
N ASN B 61 -22.73 -2.76 11.12
CA ASN B 61 -22.97 -1.82 10.05
C ASN B 61 -24.23 -2.23 9.26
N GLN B 62 -25.20 -1.32 9.17
CA GLN B 62 -26.52 -1.59 8.58
C GLN B 62 -26.55 -1.98 7.10
N LYS B 63 -25.39 -2.22 6.49
CA LYS B 63 -25.36 -2.78 5.13
C LYS B 63 -24.47 -3.99 5.06
N PHE B 64 -23.90 -4.38 6.19
CA PHE B 64 -23.01 -5.53 6.20
C PHE B 64 -23.71 -6.70 6.88
N LYS B 65 -24.78 -6.39 7.61
CA LYS B 65 -25.58 -7.43 8.23
C LYS B 65 -26.30 -8.20 7.14
N GLY B 66 -25.65 -9.25 6.67
CA GLY B 66 -26.15 -10.06 5.57
C GLY B 66 -24.94 -10.57 4.82
N LYS B 67 -23.78 -10.03 5.19
CA LYS B 67 -22.51 -10.46 4.61
C LYS B 67 -21.54 -10.85 5.71
N ALA B 68 -21.56 -10.10 6.81
CA ALA B 68 -20.57 -10.29 7.88
C ALA B 68 -21.14 -10.85 9.19
N THR B 69 -20.41 -11.80 9.77
CA THR B 69 -20.76 -12.36 11.08
C THR B 69 -19.53 -12.36 11.97
N LEU B 70 -19.67 -11.88 13.20
CA LEU B 70 -18.51 -11.73 14.08
C LEU B 70 -18.58 -12.72 15.24
N THR B 71 -17.53 -13.51 15.42
CA THR B 71 -17.53 -14.54 16.46
C THR B 71 -16.29 -14.42 17.31
N VAL B 72 -16.48 -14.44 18.62
CA VAL B 72 -15.37 -14.18 19.51
C VAL B 72 -14.98 -15.44 20.27
N ASP B 73 -13.72 -15.46 20.69
CA ASP B 73 -13.19 -16.60 21.43
C ASP B 73 -12.16 -16.06 22.38
N LYS B 74 -12.63 -15.44 23.45
CA LYS B 74 -11.80 -14.88 24.51
C LYS B 74 -10.78 -15.89 25.03
N SER B 75 -11.17 -17.16 25.14
CA SER B 75 -10.29 -18.20 25.67
C SER B 75 -9.00 -18.37 24.85
N SER B 76 -8.95 -17.73 23.70
CA SER B 76 -7.78 -17.76 22.82
C SER B 76 -7.45 -16.32 22.45
N SER B 77 -8.22 -15.40 23.03
CA SER B 77 -8.10 -13.97 22.77
C SER B 77 -8.16 -13.65 21.28
N THR B 78 -8.93 -14.45 20.53
CA THR B 78 -9.07 -14.28 19.10
C THR B 78 -10.47 -13.85 18.75
N ALA B 79 -10.59 -12.92 17.80
CA ALA B 79 -11.88 -12.56 17.23
C ALA B 79 -11.98 -13.09 15.79
N TYR B 80 -13.21 -13.31 15.32
CA TYR B 80 -13.42 -13.82 13.97
C TYR B 80 -14.42 -13.00 13.19
N MET B 81 -14.22 -12.94 11.88
CA MET B 81 -15.21 -12.38 10.96
C MET B 81 -15.43 -13.28 9.78
N GLU B 82 -16.69 -13.58 9.50
CA GLU B 82 -17.02 -14.46 8.39
C GLU B 82 -17.84 -13.70 7.38
N LEU B 83 -17.52 -13.95 6.11
CA LEU B 83 -18.18 -13.26 5.02
C LEU B 83 -18.77 -14.35 4.12
N ARG B 84 -20.03 -14.18 3.76
CA ARG B 84 -20.77 -15.24 3.12
C ARG B 84 -21.40 -14.74 1.83
N SER B 85 -21.77 -15.66 0.96
CA SER B 85 -22.30 -15.33 -0.36
C SER B 85 -21.38 -14.33 -1.03
N LEU B 86 -20.10 -14.65 -1.10
CA LEU B 86 -19.07 -13.71 -1.56
C LEU B 86 -19.15 -13.35 -3.04
N THR B 87 -19.05 -12.06 -3.34
CA THR B 87 -18.96 -11.55 -4.72
C THR B 87 -17.68 -10.75 -4.87
N SER B 88 -17.54 -9.99 -5.95
CA SER B 88 -16.32 -9.18 -6.12
C SER B 88 -16.33 -7.87 -5.30
N GLU B 89 -17.50 -7.49 -4.79
CA GLU B 89 -17.64 -6.27 -4.02
C GLU B 89 -17.01 -6.41 -2.65
N ASP B 90 -16.76 -7.66 -2.27
CA ASP B 90 -16.15 -8.01 -1.00
C ASP B 90 -14.67 -8.33 -1.18
N SER B 91 -14.10 -7.93 -2.30
CA SER B 91 -12.66 -8.03 -2.51
C SER B 91 -12.03 -6.71 -2.03
N ALA B 92 -11.20 -6.81 -0.99
CA ALA B 92 -10.66 -5.66 -0.28
C ALA B 92 -9.65 -6.05 0.80
N VAL B 93 -9.32 -5.10 1.68
CA VAL B 93 -8.52 -5.38 2.86
C VAL B 93 -9.38 -5.15 4.08
N TYR B 94 -9.35 -6.08 5.04
CA TYR B 94 -10.15 -5.94 6.25
C TYR B 94 -9.22 -5.91 7.45
N TYR B 95 -9.33 -4.85 8.27
CA TYR B 95 -8.49 -4.73 9.46
C TYR B 95 -9.27 -5.07 10.71
N CYS B 96 -8.55 -5.68 11.65
CA CYS B 96 -9.00 -5.86 13.03
C CYS B 96 -8.63 -4.58 13.77
N ALA B 97 -9.60 -4.01 14.47
CA ALA B 97 -9.40 -2.76 15.19
C ALA B 97 -9.99 -2.83 16.57
N ARG B 98 -9.15 -2.57 17.57
CA ARG B 98 -9.57 -2.62 18.97
C ARG B 98 -10.08 -1.28 19.44
N ASN B 99 -11.11 -1.26 20.28
CA ASN B 99 -11.53 -0.02 20.93
C ASN B 99 -11.98 -0.27 22.34
N ASP B 100 -12.15 0.80 23.10
CA ASP B 100 -12.74 0.69 24.43
C ASP B 100 -14.24 0.87 24.31
N GLY B 101 -14.98 0.01 24.98
CA GLY B 101 -16.43 0.07 24.91
C GLY B 101 -16.97 1.15 25.80
N TYR B 102 -16.32 1.33 26.95
CA TYR B 102 -16.73 2.30 27.94
C TYR B 102 -16.65 3.76 27.49
N ARG B 103 -15.98 4.01 26.36
CA ARG B 103 -15.83 5.35 25.83
C ARG B 103 -16.35 5.46 24.39
N GLY B 104 -16.15 4.41 23.60
CA GLY B 104 -16.63 4.43 22.23
C GLY B 104 -15.63 3.96 21.19
N TYR B 105 -16.05 4.02 19.93
CA TYR B 105 -15.28 3.41 18.85
C TYR B 105 -14.14 4.27 18.33
N ALA B 106 -13.17 4.53 19.20
CA ALA B 106 -11.90 5.11 18.79
C ALA B 106 -10.95 3.94 18.78
N MET B 107 -10.44 3.61 17.60
CA MET B 107 -9.68 2.38 17.48
C MET B 107 -8.19 2.66 17.55
N ASP B 108 -7.65 2.54 18.76
CA ASP B 108 -6.25 2.87 18.99
C ASP B 108 -5.28 1.83 18.47
N TYR B 109 -5.65 0.56 18.57
CA TYR B 109 -4.79 -0.47 18.01
C TYR B 109 -5.51 -1.33 16.94
N TRP B 110 -4.90 -1.36 15.76
CA TRP B 110 -5.44 -2.00 14.55
C TRP B 110 -4.57 -3.14 14.12
N GLY B 111 -5.16 -4.05 13.35
CA GLY B 111 -4.40 -5.19 12.82
C GLY B 111 -3.40 -4.80 11.73
N GLN B 112 -3.21 -5.72 10.80
CA GLN B 112 -2.20 -5.51 9.79
C GLN B 112 -2.78 -5.90 8.43
N GLY B 113 -4.08 -6.07 8.41
CA GLY B 113 -4.77 -6.31 7.16
C GLY B 113 -4.57 -7.67 6.54
N THR B 114 -5.62 -8.15 5.92
CA THR B 114 -5.57 -9.41 5.23
C THR B 114 -6.24 -9.19 3.90
N SER B 115 -5.46 -9.26 2.82
CA SER B 115 -5.99 -9.09 1.49
C SER B 115 -6.94 -10.22 1.14
N VAL B 116 -8.16 -9.86 0.80
CA VAL B 116 -9.17 -10.79 0.37
C VAL B 116 -9.46 -10.57 -1.10
N THR B 117 -9.30 -11.62 -1.92
CA THR B 117 -9.63 -11.57 -3.33
C THR B 117 -10.69 -12.65 -3.60
N VAL B 118 -11.81 -12.27 -4.23
CA VAL B 118 -12.89 -13.22 -4.59
C VAL B 118 -12.86 -13.57 -6.10
N SER B 119 -12.18 -14.67 -6.45
CA SER B 119 -12.05 -15.05 -7.86
C SER B 119 -12.40 -16.51 -8.14
N SER B 120 -13.00 -16.76 -9.31
CA SER B 120 -13.25 -18.10 -9.81
C SER B 120 -11.94 -18.81 -10.06
N ALA B 121 -10.83 -18.07 -9.99
CA ALA B 121 -9.57 -18.61 -10.46
C ALA B 121 -8.78 -19.27 -9.36
N SER B 122 -7.85 -20.11 -9.79
CA SER B 122 -7.01 -20.85 -8.88
C SER B 122 -5.80 -19.97 -8.65
N THR B 123 -5.16 -20.09 -7.50
CA THR B 123 -3.93 -19.35 -7.24
C THR B 123 -2.92 -19.76 -8.28
N LYS B 124 -1.96 -18.90 -8.54
CA LYS B 124 -0.84 -19.24 -9.40
C LYS B 124 0.42 -18.59 -8.88
N GLY B 125 1.43 -19.39 -8.56
CA GLY B 125 2.69 -18.83 -8.11
C GLY B 125 3.37 -17.99 -9.16
N PRO B 126 4.21 -17.03 -8.73
CA PRO B 126 4.89 -16.09 -9.62
C PRO B 126 6.15 -16.68 -10.17
N SER B 127 6.66 -16.12 -11.26
CA SER B 127 7.92 -16.55 -11.83
C SER B 127 9.04 -15.59 -11.44
N VAL B 128 9.63 -15.76 -10.27
CA VAL B 128 10.70 -14.85 -9.84
C VAL B 128 11.86 -14.87 -10.85
N PHE B 129 12.01 -13.77 -11.56
CA PHE B 129 13.14 -13.57 -12.46
C PHE B 129 13.98 -12.46 -11.85
N PRO B 130 15.30 -12.48 -12.13
CA PRO B 130 16.20 -11.43 -11.63
C PRO B 130 16.27 -10.22 -12.57
N LEU B 131 16.67 -9.06 -12.06
CA LEU B 131 16.88 -7.88 -12.90
C LEU B 131 18.37 -7.60 -13.03
N ALA B 132 18.87 -7.59 -14.27
CA ALA B 132 20.31 -7.57 -14.56
C ALA B 132 20.99 -6.22 -14.34
N PRO B 133 21.89 -6.16 -13.34
CA PRO B 133 22.75 -4.99 -13.13
C PRO B 133 23.88 -4.88 -14.15
N SER B 134 23.66 -4.04 -15.17
CA SER B 134 24.63 -3.82 -16.26
C SER B 134 25.28 -2.43 -16.15
N SER B 135 26.04 -2.05 -17.17
CA SER B 135 26.74 -0.75 -17.21
C SER B 135 25.98 0.32 -17.99
N LYS B 136 24.81 -0.05 -18.49
CA LYS B 136 23.79 0.89 -18.97
C LYS B 136 22.77 0.98 -17.84
N SER B 137 22.99 0.14 -16.84
CA SER B 137 22.25 0.20 -15.60
C SER B 137 23.17 0.85 -14.58
N THR B 138 23.70 2.02 -14.93
CA THR B 138 24.64 2.74 -14.07
C THR B 138 24.54 4.27 -14.28
N SER B 139 24.79 5.01 -13.20
CA SER B 139 24.75 6.48 -13.25
C SER B 139 25.48 7.08 -12.04
N GLY B 140 26.73 7.48 -12.24
CA GLY B 140 27.53 8.07 -11.18
C GLY B 140 28.34 7.08 -10.36
N GLY B 141 28.36 5.82 -10.82
CA GLY B 141 29.11 4.77 -10.16
C GLY B 141 28.22 3.84 -9.33
N THR B 142 26.91 4.09 -9.40
CA THR B 142 25.94 3.32 -8.63
C THR B 142 24.96 2.56 -9.55
N ALA B 143 24.75 1.28 -9.24
CA ALA B 143 24.01 0.37 -10.12
C ALA B 143 22.65 -0.04 -9.55
N ALA B 144 21.67 -0.24 -10.43
CA ALA B 144 20.33 -0.63 -10.01
C ALA B 144 20.02 -2.04 -10.47
N LEU B 145 19.66 -2.90 -9.52
CA LEU B 145 19.34 -4.31 -9.78
C LEU B 145 17.98 -4.65 -9.16
N GLY B 146 17.46 -5.84 -9.42
CA GLY B 146 16.21 -6.28 -8.82
C GLY B 146 15.72 -7.68 -9.13
N CYS B 147 14.46 -7.93 -8.78
CA CYS B 147 13.79 -9.17 -9.10
C CYS B 147 12.44 -8.85 -9.72
N LEU B 148 12.17 -9.39 -10.91
CA LEU B 148 10.83 -9.25 -11.47
C LEU B 148 9.99 -10.36 -10.85
N VAL B 149 8.75 -10.07 -10.46
CA VAL B 149 7.89 -11.10 -9.89
C VAL B 149 6.65 -11.32 -10.77
N LYS B 150 6.86 -12.09 -11.84
CA LYS B 150 5.92 -12.16 -12.94
C LYS B 150 4.87 -13.29 -12.88
N ASP B 151 3.64 -12.91 -13.25
CA ASP B 151 2.53 -13.83 -13.46
C ASP B 151 2.01 -14.53 -12.22
N TYR B 152 1.60 -13.75 -11.22
CA TYR B 152 0.95 -14.34 -10.05
C TYR B 152 -0.50 -13.93 -9.89
N PHE B 153 -1.28 -14.83 -9.35
CA PHE B 153 -2.64 -14.51 -8.96
C PHE B 153 -2.90 -15.22 -7.65
N PRO B 154 -3.42 -14.50 -6.64
CA PRO B 154 -3.83 -13.10 -6.65
C PRO B 154 -2.89 -12.20 -5.86
N GLU B 155 -3.29 -10.95 -5.62
CA GLU B 155 -2.56 -10.06 -4.71
C GLU B 155 -2.64 -10.63 -3.29
N PRO B 156 -1.57 -10.48 -2.49
CA PRO B 156 -0.26 -9.91 -2.84
C PRO B 156 0.90 -10.83 -2.51
N VAL B 157 2.07 -10.44 -3.01
CA VAL B 157 3.32 -11.06 -2.61
C VAL B 157 4.00 -10.08 -1.68
N THR B 158 5.07 -10.56 -1.04
CA THR B 158 5.88 -9.74 -0.15
C THR B 158 7.33 -9.85 -0.57
N VAL B 159 7.94 -8.74 -0.99
CA VAL B 159 9.35 -8.74 -1.39
C VAL B 159 10.25 -8.07 -0.36
N SER B 160 11.33 -8.75 -0.01
CA SER B 160 12.33 -8.21 0.88
C SER B 160 13.70 -8.72 0.44
N TRP B 161 14.76 -8.01 0.83
CA TRP B 161 16.11 -8.35 0.36
C TRP B 161 17.01 -8.73 1.53
N ASN B 162 17.89 -9.69 1.31
CA ASN B 162 18.78 -10.17 2.37
C ASN B 162 18.05 -10.49 3.67
N SER B 163 16.83 -10.99 3.53
CA SER B 163 15.96 -11.35 4.66
C SER B 163 15.69 -10.18 5.60
N GLY B 164 15.79 -8.96 5.09
CA GLY B 164 15.45 -7.78 5.88
C GLY B 164 16.64 -6.95 6.32
N ALA B 165 17.84 -7.47 6.05
CA ALA B 165 19.06 -6.76 6.41
C ALA B 165 19.19 -5.48 5.61
N LEU B 166 18.42 -5.42 4.52
CA LEU B 166 18.57 -4.38 3.51
C LEU B 166 17.24 -3.64 3.26
N THR B 167 17.15 -2.40 3.74
CA THR B 167 15.97 -1.57 3.58
C THR B 167 16.28 -0.27 2.82
N SER B 168 17.56 -0.04 2.53
CA SER B 168 18.02 1.24 2.00
C SER B 168 17.87 1.39 0.48
N GLY B 169 17.01 2.33 0.07
CA GLY B 169 16.79 2.59 -1.33
C GLY B 169 16.01 1.54 -2.10
N VAL B 170 15.37 0.62 -1.39
CA VAL B 170 14.56 -0.42 -2.04
C VAL B 170 13.23 0.13 -2.60
N HIS B 171 12.91 -0.24 -3.85
CA HIS B 171 11.65 0.15 -4.46
C HIS B 171 10.82 -1.06 -4.97
N THR B 172 9.90 -1.54 -4.13
CA THR B 172 8.95 -2.58 -4.52
C THR B 172 7.64 -1.96 -5.05
N PHE B 173 7.52 -1.90 -6.37
CA PHE B 173 6.40 -1.24 -7.04
C PHE B 173 5.06 -1.94 -6.84
N PRO B 174 3.97 -1.16 -6.88
CA PRO B 174 2.63 -1.71 -6.97
C PRO B 174 2.54 -2.70 -8.12
N ALA B 175 1.68 -3.70 -7.99
CA ALA B 175 1.53 -4.66 -9.04
C ALA B 175 0.70 -4.05 -10.14
N VAL B 176 1.05 -4.37 -11.39
CA VAL B 176 0.25 -4.04 -12.58
C VAL B 176 -0.54 -5.26 -13.02
N LEU B 177 -1.63 -5.02 -13.74
CA LEU B 177 -2.50 -6.10 -14.23
C LEU B 177 -2.28 -6.28 -15.73
N GLN B 178 -1.75 -7.44 -16.12
CA GLN B 178 -1.41 -7.67 -17.52
C GLN B 178 -2.62 -8.00 -18.37
N SER B 179 -2.41 -8.05 -19.68
CA SER B 179 -3.48 -8.41 -20.60
C SER B 179 -3.98 -9.78 -20.21
N SER B 180 -3.05 -10.62 -19.75
CA SER B 180 -3.35 -12.00 -19.37
C SER B 180 -4.16 -12.17 -18.08
N GLY B 181 -4.23 -11.12 -17.24
CA GLY B 181 -5.07 -11.17 -16.05
C GLY B 181 -4.33 -11.64 -14.80
N LEU B 182 -3.01 -11.64 -14.90
CA LEU B 182 -2.14 -12.06 -13.81
C LEU B 182 -1.22 -10.91 -13.43
N TYR B 183 -1.07 -10.67 -12.13
CA TYR B 183 -0.27 -9.53 -11.67
C TYR B 183 1.20 -9.73 -11.97
N SER B 184 1.99 -8.65 -11.89
CA SER B 184 3.40 -8.68 -12.23
C SER B 184 4.04 -7.45 -11.61
N LEU B 185 5.04 -7.61 -10.76
CA LEU B 185 5.73 -6.43 -10.20
C LEU B 185 7.25 -6.49 -10.19
N SER B 186 7.86 -5.34 -9.90
CA SER B 186 9.31 -5.28 -9.71
C SER B 186 9.62 -4.75 -8.32
N SER B 187 10.84 -5.01 -7.85
CA SER B 187 11.22 -4.52 -6.54
C SER B 187 12.70 -4.23 -6.53
N VAL B 188 13.10 -3.28 -7.37
CA VAL B 188 14.48 -2.89 -7.55
C VAL B 188 15.17 -2.34 -6.31
N VAL B 189 16.48 -2.17 -6.45
CA VAL B 189 17.31 -1.54 -5.43
C VAL B 189 18.57 -0.98 -6.11
N THR B 190 18.86 0.29 -5.84
CA THR B 190 20.05 0.92 -6.41
C THR B 190 21.20 0.74 -5.42
N VAL B 191 22.41 0.56 -5.95
CA VAL B 191 23.53 0.08 -5.12
C VAL B 191 24.84 0.45 -5.80
N PRO B 192 25.93 0.62 -5.02
CA PRO B 192 27.21 1.02 -5.64
C PRO B 192 27.77 -0.07 -6.54
N SER B 193 28.34 0.31 -7.68
CA SER B 193 28.97 -0.64 -8.60
C SER B 193 30.24 -1.23 -7.99
N SER B 194 30.50 -0.84 -6.75
CA SER B 194 31.63 -1.32 -5.98
C SER B 194 31.29 -2.65 -5.29
N SER B 195 30.19 -2.65 -4.53
CA SER B 195 29.76 -3.83 -3.81
C SER B 195 29.54 -5.04 -4.72
N LEU B 196 29.13 -4.78 -5.96
CA LEU B 196 28.86 -5.82 -6.95
C LEU B 196 29.97 -6.89 -6.99
N GLY B 197 31.22 -6.42 -7.03
CA GLY B 197 32.36 -7.31 -6.99
C GLY B 197 32.27 -8.27 -5.83
N THR B 198 32.07 -7.71 -4.63
CA THR B 198 32.10 -8.50 -3.39
C THR B 198 30.87 -8.39 -2.48
N GLN B 199 29.68 -8.32 -3.08
CA GLN B 199 28.43 -8.35 -2.29
C GLN B 199 27.24 -9.06 -2.95
N THR B 200 26.54 -9.87 -2.16
CA THR B 200 25.45 -10.73 -2.62
C THR B 200 24.03 -10.16 -2.42
N TYR B 201 23.17 -10.31 -3.43
CA TYR B 201 21.82 -9.72 -3.40
C TYR B 201 20.70 -10.73 -3.72
N ILE B 202 19.93 -11.06 -2.69
CA ILE B 202 18.92 -12.11 -2.81
C ILE B 202 17.52 -11.60 -2.49
N CYS B 203 16.63 -11.70 -3.47
CA CYS B 203 15.25 -11.30 -3.27
C CYS B 203 14.48 -12.39 -2.54
N ASN B 204 13.70 -12.00 -1.53
CA ASN B 204 12.99 -12.96 -0.68
C ASN B 204 11.48 -13.01 -0.95
N VAL B 205 11.11 -13.41 -2.16
CA VAL B 205 9.71 -13.41 -2.59
C VAL B 205 8.88 -14.46 -1.85
N ASN B 206 7.66 -14.08 -1.48
CA ASN B 206 6.73 -15.01 -0.85
C ASN B 206 5.31 -14.71 -1.33
N HIS B 207 4.83 -15.50 -2.27
CA HIS B 207 3.44 -15.38 -2.65
C HIS B 207 2.68 -16.42 -1.84
N LYS B 208 2.08 -15.99 -0.74
CA LYS B 208 1.46 -16.90 0.22
C LYS B 208 0.22 -17.68 -0.21
N PRO B 209 -0.66 -17.09 -1.05
CA PRO B 209 -1.85 -17.86 -1.40
C PRO B 209 -1.55 -19.15 -2.14
N SER B 210 -0.36 -19.27 -2.73
CA SER B 210 0.01 -20.46 -3.46
C SER B 210 1.09 -21.23 -2.73
N ASN B 211 1.44 -20.78 -1.53
CA ASN B 211 2.53 -21.35 -0.76
C ASN B 211 3.89 -21.33 -1.50
N THR B 212 4.05 -20.39 -2.43
CA THR B 212 5.29 -20.31 -3.20
C THR B 212 6.39 -19.60 -2.39
N LYS B 213 7.63 -20.09 -2.49
CA LYS B 213 8.79 -19.44 -1.85
C LYS B 213 10.07 -19.51 -2.70
N VAL B 214 10.68 -18.35 -2.95
CA VAL B 214 11.88 -18.27 -3.77
C VAL B 214 12.86 -17.24 -3.20
N ASP B 215 14.14 -17.58 -3.21
CA ASP B 215 15.20 -16.64 -2.83
C ASP B 215 16.23 -16.52 -3.94
N LYS B 216 15.76 -16.14 -5.12
CA LYS B 216 16.62 -16.01 -6.30
C LYS B 216 17.77 -15.03 -6.11
N LYS B 217 18.89 -15.29 -6.79
CA LYS B 217 20.09 -14.44 -6.68
C LYS B 217 20.19 -13.44 -7.82
N VAL B 218 20.56 -12.19 -7.52
CA VAL B 218 20.66 -11.16 -8.54
C VAL B 218 22.09 -10.74 -8.78
N GLU B 219 22.66 -11.21 -9.87
CA GLU B 219 24.07 -10.99 -10.16
C GLU B 219 24.17 -10.28 -11.50
N PRO B 220 25.34 -9.67 -11.79
CA PRO B 220 25.54 -9.00 -13.08
C PRO B 220 25.58 -9.97 -14.25
S SO4 C . 4.56 5.07 11.83
O1 SO4 C . 4.00 6.42 11.61
O2 SO4 C . 5.63 4.84 10.86
O3 SO4 C . 5.12 4.94 13.16
O4 SO4 C . 3.47 4.10 11.69
S SO4 D . 11.92 -24.77 -20.58
O1 SO4 D . 13.32 -24.45 -20.73
O2 SO4 D . 11.19 -24.31 -21.76
O3 SO4 D . 11.76 -26.22 -20.46
O4 SO4 D . 11.40 -24.12 -19.39
S SO4 E . -14.90 -13.62 -11.31
O1 SO4 E . -13.48 -13.97 -11.32
O2 SO4 E . -15.64 -14.63 -12.06
O3 SO4 E . -15.39 -13.58 -9.93
O4 SO4 E . -15.08 -12.30 -11.92
S SO4 F . -18.57 -5.00 28.99
O1 SO4 F . -18.34 -3.86 29.87
O2 SO4 F . -19.34 -4.50 27.86
O3 SO4 F . -17.28 -5.54 28.54
O4 SO4 F . -19.33 -6.03 29.68
#